data_1XKS
#
_entry.id   1XKS
#
_cell.length_a   84.588
_cell.length_b   84.588
_cell.length_c   139.048
_cell.angle_alpha   90.00
_cell.angle_beta   90.00
_cell.angle_gamma   90.00
#
_symmetry.space_group_name_H-M   'P 43 21 2'
#
loop_
_entity.id
_entity.type
_entity.pdbx_description
1 polymer 'Nuclear pore complex protein Nup133'
2 water water
#
_entity_poly.entity_id   1
_entity_poly.type   'polypeptide(L)'
_entity_poly.pdbx_seq_one_letter_code
;GSMFPHHSITESVNYDVKTFGSSLPVKVMEALTLAEVDDQLTINIDEGGWACLVCKEKLIIWKIALSPITKLSVCKELQL
PPSDFHWSADLVALSYSSPSGEAHSTQAVAVMVATREGSIRYWPSLAGEDTYTEAFVDSGGDKTYSFLTAVQGGSFILSS
SGSQLIRLIPESSGKIHQHILPQGQGMLSGIGRKVSSLFGILSPSSDLTLSSVLWDRERSSFYSLTSSNISKWELDDSSE
KHAYSWDINRALKENITDAIWGSESNYEAIKEGVNIRYLDLKQNCDGLVILAAAWHSADNPCLIYYSLITIEDNGCQMSD
AVTVEVTQYNPPFQSEDLILCQLTVPNFSNQTAYLYNESAVYVCSTGTGKFSLPQEKIVFNAQGDSVLGAGACGGVPIIF
SRNSGLVSITSRENVSILAEDLEGSLASSVAGPNSESMIFETTTKNETIA
;
_entity_poly.pdbx_strand_id   A
#
# COMPACT_ATOMS: atom_id res chain seq x y z
N GLU A 11 24.16 15.11 -0.15
CA GLU A 11 22.73 14.99 0.26
C GLU A 11 21.80 14.73 -0.97
N SER A 12 20.47 14.89 -0.76
CA SER A 12 19.52 15.04 -1.87
C SER A 12 19.60 16.46 -2.43
N VAL A 13 19.11 16.65 -3.63
CA VAL A 13 19.22 17.96 -4.25
C VAL A 13 18.10 18.91 -3.79
N ASN A 14 16.86 18.40 -3.88
CA ASN A 14 15.70 19.23 -3.70
C ASN A 14 14.96 18.93 -2.41
N TYR A 15 15.44 17.97 -1.64
CA TYR A 15 14.68 17.50 -0.49
C TYR A 15 15.53 17.33 0.73
N ASP A 16 14.97 17.67 1.88
CA ASP A 16 15.54 17.28 3.16
C ASP A 16 14.91 15.94 3.56
N VAL A 17 15.77 15.03 4.00
CA VAL A 17 15.38 13.76 4.44
C VAL A 17 15.85 13.66 5.88
N LYS A 18 14.94 13.81 6.81
CA LYS A 18 15.31 13.75 8.22
C LYS A 18 14.33 13.07 9.14
N THR A 19 14.88 12.71 10.28
CA THR A 19 14.13 12.11 11.31
C THR A 19 12.81 12.79 11.53
N PHE A 20 11.75 11.98 11.54
CA PHE A 20 10.40 12.50 11.77
C PHE A 20 9.99 11.99 13.16
N GLY A 21 9.51 12.89 14.00
CA GLY A 21 9.00 12.55 15.30
C GLY A 21 10.15 12.44 16.29
N SER A 22 9.80 11.97 17.45
CA SER A 22 10.72 11.81 18.54
C SER A 22 11.41 10.45 18.50
N SER A 23 12.30 10.23 19.46
CA SER A 23 13.09 9.02 19.58
C SER A 23 12.09 7.88 19.56
N LEU A 24 12.46 6.80 18.90
CA LEU A 24 11.64 5.64 18.81
C LEU A 24 11.61 4.93 20.17
N PRO A 25 10.51 4.19 20.42
CA PRO A 25 10.32 3.36 21.59
C PRO A 25 11.50 2.35 21.72
N VAL A 26 11.87 2.04 22.96
CA VAL A 26 12.99 1.16 23.24
C VAL A 26 12.80 -0.18 22.52
N LYS A 27 11.56 -0.69 22.55
CA LYS A 27 11.21 -1.95 21.90
C LYS A 27 11.47 -1.93 20.40
N VAL A 28 11.26 -0.77 19.79
CA VAL A 28 11.48 -0.66 18.35
C VAL A 28 12.98 -0.60 18.05
N MET A 29 13.67 0.20 18.84
CA MET A 29 15.12 0.30 18.82
C MET A 29 15.77 -1.07 18.87
N GLU A 30 15.47 -1.88 19.87
CA GLU A 30 16.01 -3.24 19.95
C GLU A 30 15.81 -3.99 18.66
N ALA A 31 14.55 -4.23 18.34
CA ALA A 31 14.20 -4.92 17.12
C ALA A 31 15.02 -4.50 15.91
N LEU A 32 15.27 -3.20 15.77
CA LEU A 32 16.01 -2.71 14.62
C LEU A 32 17.49 -3.02 14.77
N THR A 33 18.06 -2.60 15.90
CA THR A 33 19.47 -2.83 16.26
C THR A 33 19.82 -4.32 16.30
N LEU A 34 18.89 -5.15 16.80
CA LEU A 34 19.02 -6.61 16.72
C LEU A 34 18.81 -7.18 15.30
N ALA A 35 17.79 -6.73 14.56
CA ALA A 35 17.55 -7.25 13.18
C ALA A 35 18.82 -7.36 12.27
N GLU A 36 18.92 -8.49 11.57
CA GLU A 36 19.99 -8.74 10.61
C GLU A 36 19.42 -8.72 9.18
N VAL A 37 20.16 -8.14 8.24
CA VAL A 37 19.72 -8.08 6.84
C VAL A 37 19.21 -9.40 6.23
N ASP A 38 19.36 -10.51 6.95
CA ASP A 38 18.60 -11.71 6.62
C ASP A 38 17.14 -11.50 7.04
N ASP A 39 16.93 -10.77 8.13
CA ASP A 39 15.57 -10.56 8.71
C ASP A 39 14.64 -9.72 7.86
N GLN A 40 13.46 -10.26 7.60
CA GLN A 40 12.42 -9.54 6.92
C GLN A 40 11.66 -8.69 7.93
N LEU A 41 11.75 -7.38 7.84
CA LEU A 41 10.89 -6.49 8.65
C LEU A 41 9.92 -5.69 7.78
N THR A 42 8.70 -5.56 8.28
CA THR A 42 7.71 -4.85 7.54
C THR A 42 7.02 -3.97 8.56
N ILE A 43 6.44 -2.90 8.07
CA ILE A 43 5.88 -1.95 8.92
C ILE A 43 4.63 -1.44 8.25
N ASN A 44 3.60 -1.20 9.07
CA ASN A 44 2.42 -0.57 8.63
C ASN A 44 2.41 0.82 9.27
N ILE A 45 2.55 1.84 8.46
CA ILE A 45 2.45 3.17 8.99
C ILE A 45 1.01 3.69 8.73
N ASP A 46 0.21 3.87 9.79
CA ASP A 46 -1.22 4.14 9.63
C ASP A 46 -1.59 5.62 9.61
N GLU A 47 -2.53 5.98 8.72
CA GLU A 47 -3.00 7.34 8.54
C GLU A 47 -3.37 7.94 9.89
N GLY A 48 -3.79 7.10 10.85
CA GLY A 48 -4.24 7.58 12.19
C GLY A 48 -3.12 8.10 13.02
N GLY A 49 -1.86 7.85 12.68
CA GLY A 49 -0.74 8.31 13.52
C GLY A 49 -0.05 7.24 14.33
N TRP A 50 -0.43 5.99 14.06
CA TRP A 50 0.12 4.85 14.76
C TRP A 50 0.98 4.01 13.77
N ALA A 51 2.07 3.38 14.25
CA ALA A 51 2.87 2.49 13.42
C ALA A 51 2.87 1.10 14.01
N CYS A 52 2.92 0.08 13.13
CA CYS A 52 3.05 -1.32 13.52
C CYS A 52 4.28 -1.97 12.89
N LEU A 53 5.19 -2.49 13.71
CA LEU A 53 6.37 -3.15 13.19
C LEU A 53 6.27 -4.66 13.38
N VAL A 54 6.28 -5.41 12.31
CA VAL A 54 6.10 -6.84 12.41
C VAL A 54 7.49 -7.42 12.43
N CYS A 55 7.83 -7.95 13.57
CA CYS A 55 9.23 -8.26 13.76
C CYS A 55 9.33 -9.68 14.31
N LYS A 56 9.75 -10.64 13.47
CA LYS A 56 9.77 -12.08 13.85
C LYS A 56 8.40 -12.36 14.35
N GLU A 57 8.26 -12.87 15.58
CA GLU A 57 6.94 -13.29 16.05
C GLU A 57 6.15 -12.33 16.91
N LYS A 58 6.54 -11.05 16.93
CA LYS A 58 5.70 -10.06 17.51
C LYS A 58 5.50 -8.77 16.70
N LEU A 59 4.46 -8.07 17.16
CA LEU A 59 4.00 -6.94 16.53
C LEU A 59 4.28 -5.91 17.57
N ILE A 60 4.99 -4.87 17.19
CA ILE A 60 5.15 -3.78 18.13
C ILE A 60 4.40 -2.69 17.57
N ILE A 61 3.52 -2.13 18.37
CA ILE A 61 2.69 -1.05 17.89
C ILE A 61 2.94 0.19 18.67
N TRP A 62 3.11 1.34 18.01
CA TRP A 62 3.35 2.53 18.78
C TRP A 62 2.77 3.79 18.15
N LYS A 63 2.47 4.78 18.96
CA LYS A 63 1.89 5.99 18.42
C LYS A 63 3.03 6.86 17.93
N ILE A 64 3.00 7.33 16.69
CA ILE A 64 4.14 8.09 16.19
C ILE A 64 4.19 9.36 17.07
N ALA A 65 5.33 9.58 17.71
CA ALA A 65 5.29 10.58 18.77
C ALA A 65 5.68 11.86 18.10
N LEU A 66 4.72 12.70 17.74
CA LEU A 66 5.09 13.99 17.18
C LEU A 66 5.70 14.85 18.31
N SER A 67 5.19 14.65 19.54
CA SER A 67 5.73 15.22 20.77
C SER A 67 6.62 14.19 21.53
N PRO A 68 7.76 14.65 22.06
CA PRO A 68 8.78 13.97 22.85
C PRO A 68 8.35 13.57 24.27
N ILE A 69 7.21 14.11 24.69
CA ILE A 69 6.76 13.95 26.07
C ILE A 69 6.41 12.55 26.46
N THR A 70 7.03 12.10 27.57
CA THR A 70 6.90 10.71 28.00
C THR A 70 5.50 10.25 28.38
N LYS A 71 4.71 11.10 29.01
CA LYS A 71 3.37 10.72 29.48
C LYS A 71 2.42 10.56 28.29
N LEU A 72 2.86 11.04 27.13
CA LEU A 72 2.13 10.91 25.88
C LEU A 72 2.53 9.63 25.15
N SER A 73 3.60 9.02 25.65
CA SER A 73 4.26 7.89 24.97
C SER A 73 3.43 6.59 25.02
N VAL A 74 3.15 6.01 23.87
CA VAL A 74 2.48 4.67 23.89
C VAL A 74 3.19 3.69 22.98
N CYS A 75 3.50 2.52 23.51
CA CYS A 75 4.13 1.44 22.75
C CYS A 75 3.74 0.07 23.29
N LYS A 76 3.02 -0.71 22.49
CA LYS A 76 2.61 -2.05 22.96
C LYS A 76 3.14 -3.17 22.13
N GLU A 77 3.42 -4.29 22.75
CA GLU A 77 3.92 -5.46 22.00
C GLU A 77 2.83 -6.50 22.04
N LEU A 78 2.43 -7.06 20.88
CA LEU A 78 1.38 -8.06 20.86
C LEU A 78 1.98 -9.34 20.32
N GLN A 79 1.50 -10.45 20.84
CA GLN A 79 1.91 -11.79 20.45
C GLN A 79 1.14 -12.21 19.22
N LEU A 80 1.85 -12.54 18.15
CA LEU A 80 1.22 -13.04 16.94
C LEU A 80 0.76 -14.50 17.01
N PRO A 81 -0.34 -14.81 16.30
CA PRO A 81 -0.84 -16.16 16.12
C PRO A 81 0.18 -16.93 15.30
N PRO A 82 0.64 -18.09 15.81
CA PRO A 82 1.61 -18.89 15.03
C PRO A 82 1.22 -19.09 13.54
N SER A 83 2.26 -19.12 12.71
CA SER A 83 2.14 -19.41 11.30
C SER A 83 3.48 -20.08 10.93
N ASP A 84 3.47 -20.78 9.80
CA ASP A 84 4.73 -21.22 9.20
C ASP A 84 5.31 -20.22 8.30
N PHE A 85 4.48 -19.25 7.88
CA PHE A 85 4.92 -18.16 7.03
C PHE A 85 5.30 -17.00 7.88
N HIS A 86 6.19 -16.19 7.33
CA HIS A 86 6.43 -14.89 7.87
C HIS A 86 5.11 -14.11 7.97
N TRP A 87 4.98 -13.39 9.06
CA TRP A 87 3.84 -12.49 9.29
C TRP A 87 4.16 -11.23 8.50
N SER A 88 3.13 -10.51 8.17
CA SER A 88 3.26 -9.36 7.24
C SER A 88 2.52 -8.19 7.76
N ALA A 89 3.18 -7.03 7.76
CA ALA A 89 2.43 -5.85 8.20
C ALA A 89 1.27 -5.51 7.24
N ASP A 90 1.28 -6.00 5.99
CA ASP A 90 0.15 -5.84 5.15
C ASP A 90 -1.05 -6.61 5.73
N LEU A 91 -0.82 -7.59 6.64
CA LEU A 91 -1.92 -8.29 7.21
C LEU A 91 -2.20 -7.85 8.62
N VAL A 92 -1.93 -6.61 8.96
CA VAL A 92 -2.20 -6.12 10.30
C VAL A 92 -2.98 -4.79 10.10
N ALA A 93 -4.10 -4.57 10.81
CA ALA A 93 -4.85 -3.36 10.59
C ALA A 93 -5.29 -2.76 11.95
N LEU A 94 -5.27 -1.43 12.09
CA LEU A 94 -5.70 -0.77 13.31
C LEU A 94 -7.09 -0.17 13.10
N SER A 95 -7.95 -0.21 14.13
CA SER A 95 -9.23 0.40 14.03
C SER A 95 -9.43 1.31 15.23
N TYR A 96 -9.83 2.56 14.98
CA TYR A 96 -10.00 3.48 16.09
C TYR A 96 -11.47 3.83 16.35
N SER A 97 -11.87 3.87 17.62
CA SER A 97 -13.20 4.30 17.95
C SER A 97 -13.13 5.83 18.06
N SER A 98 -14.12 6.50 17.47
CA SER A 98 -14.06 7.99 17.33
C SER A 98 -12.86 8.40 16.48
N THR A 106 -4.36 4.44 23.58
CA THR A 106 -4.43 2.93 23.55
C THR A 106 -5.84 2.27 23.69
N GLN A 107 -6.75 2.83 24.54
CA GLN A 107 -8.13 2.30 24.55
C GLN A 107 -8.83 2.46 23.16
N ALA A 108 -8.71 3.69 22.59
CA ALA A 108 -9.28 3.98 21.29
C ALA A 108 -8.87 2.97 20.18
N VAL A 109 -7.81 2.17 20.40
CA VAL A 109 -7.20 1.42 19.27
C VAL A 109 -7.49 -0.07 19.36
N ALA A 110 -8.18 -0.62 18.38
CA ALA A 110 -8.44 -2.03 18.30
C ALA A 110 -7.49 -2.56 17.26
N VAL A 111 -7.16 -3.86 17.33
CA VAL A 111 -6.16 -4.48 16.41
C VAL A 111 -6.54 -5.82 15.81
N MET A 112 -6.44 -5.95 14.48
CA MET A 112 -6.61 -7.29 13.84
C MET A 112 -5.43 -7.73 12.96
N VAL A 113 -5.09 -9.00 13.05
CA VAL A 113 -3.95 -9.58 12.28
C VAL A 113 -4.49 -10.79 11.62
N ALA A 114 -3.95 -11.18 10.45
CA ALA A 114 -4.36 -12.40 9.76
C ALA A 114 -3.03 -13.02 9.39
N THR A 115 -2.99 -14.36 9.17
CA THR A 115 -1.84 -15.04 8.67
C THR A 115 -2.11 -15.35 7.20
N ARG A 116 -1.07 -15.71 6.41
CA ARG A 116 -1.24 -16.14 4.99
C ARG A 116 -2.29 -17.23 4.83
N GLU A 117 -2.49 -18.08 5.85
CA GLU A 117 -3.52 -19.13 5.71
C GLU A 117 -4.95 -18.69 6.11
N GLY A 118 -5.08 -17.57 6.82
CA GLY A 118 -6.42 -17.14 7.12
C GLY A 118 -6.81 -17.24 8.58
N SER A 119 -5.81 -17.29 9.43
CA SER A 119 -6.04 -17.22 10.87
C SER A 119 -6.08 -15.82 11.30
N ILE A 120 -7.05 -15.50 12.12
CA ILE A 120 -7.35 -14.14 12.54
C ILE A 120 -7.24 -14.01 14.07
N ARG A 121 -6.54 -12.96 14.50
CA ARG A 121 -6.50 -12.71 15.88
C ARG A 121 -6.94 -11.26 16.08
N TYR A 122 -7.91 -11.04 16.97
CA TYR A 122 -8.43 -9.71 17.20
C TYR A 122 -8.32 -9.20 18.63
N TRP A 123 -7.81 -8.00 18.82
CA TRP A 123 -7.80 -7.39 20.11
C TRP A 123 -8.74 -6.18 20.14
N PRO A 124 -9.80 -6.22 20.98
CA PRO A 124 -10.71 -5.07 21.04
C PRO A 124 -10.02 -3.84 21.50
N SER A 125 -8.99 -4.00 22.30
CA SER A 125 -8.30 -2.83 22.79
C SER A 125 -6.85 -3.11 22.93
N LEU A 126 -6.05 -2.18 22.43
CA LEU A 126 -4.61 -2.30 22.47
C LEU A 126 -4.12 -2.18 23.92
N ALA A 127 -4.93 -1.53 24.75
CA ALA A 127 -4.71 -1.52 26.20
C ALA A 127 -4.60 -2.95 26.80
N GLY A 128 -5.51 -3.84 26.41
CA GLY A 128 -5.46 -5.18 26.88
C GLY A 128 -4.81 -6.09 25.90
N GLU A 129 -3.51 -6.28 26.07
CA GLU A 129 -2.68 -7.12 25.19
C GLU A 129 -2.84 -8.63 25.34
N ASP A 130 -3.34 -9.08 26.47
CA ASP A 130 -3.55 -10.50 26.57
C ASP A 130 -5.03 -10.83 26.28
N THR A 131 -5.77 -9.81 25.87
CA THR A 131 -7.19 -9.97 25.59
C THR A 131 -7.46 -9.92 24.11
N TYR A 132 -7.78 -11.08 23.54
CA TYR A 132 -8.07 -11.11 22.11
C TYR A 132 -8.97 -12.26 21.82
N THR A 133 -9.62 -12.22 20.65
CA THR A 133 -10.42 -13.32 20.13
C THR A 133 -9.87 -13.79 18.79
N GLU A 134 -10.19 -15.04 18.43
CA GLU A 134 -9.67 -15.73 17.26
C GLU A 134 -10.74 -16.23 16.30
N ALA A 135 -10.32 -16.57 15.08
CA ALA A 135 -11.19 -17.15 14.09
C ALA A 135 -10.37 -17.56 12.88
N PHE A 136 -11.04 -18.09 11.88
CA PHE A 136 -10.37 -18.53 10.69
C PHE A 136 -11.31 -18.46 9.53
N VAL A 137 -10.75 -18.16 8.38
CA VAL A 137 -11.44 -17.82 7.15
C VAL A 137 -11.45 -18.92 6.10
N ASP A 142 -6.18 -23.87 0.30
CA ASP A 142 -5.91 -23.55 -1.11
C ASP A 142 -5.81 -22.01 -1.31
N LYS A 143 -6.13 -21.28 -0.23
CA LYS A 143 -6.11 -19.81 -0.20
C LYS A 143 -4.88 -19.14 0.42
N THR A 144 -4.38 -18.12 -0.25
CA THR A 144 -3.38 -17.23 0.33
C THR A 144 -3.89 -15.81 0.52
N TYR A 145 -3.75 -15.26 1.71
CA TYR A 145 -4.22 -13.93 1.95
C TYR A 145 -3.15 -12.84 1.84
N SER A 146 -3.44 -11.85 1.02
CA SER A 146 -2.54 -10.74 0.86
C SER A 146 -2.74 -9.49 1.76
N PHE A 147 -3.97 -8.97 2.00
CA PHE A 147 -4.06 -7.74 2.75
C PHE A 147 -5.16 -7.83 3.78
N LEU A 148 -5.08 -7.04 4.87
CA LEU A 148 -6.16 -6.86 5.78
C LEU A 148 -6.24 -5.36 5.90
N THR A 149 -7.46 -4.84 5.82
CA THR A 149 -7.70 -3.41 5.75
C THR A 149 -8.87 -3.07 6.74
N ALA A 150 -8.64 -2.13 7.65
CA ALA A 150 -9.64 -1.55 8.50
C ALA A 150 -10.61 -0.78 7.66
N VAL A 151 -11.92 -1.04 7.72
CA VAL A 151 -12.90 -0.25 6.96
C VAL A 151 -13.98 0.22 7.96
N GLN A 152 -15.06 0.82 7.52
CA GLN A 152 -15.99 1.42 8.49
C GLN A 152 -16.84 0.44 9.28
N GLY A 153 -17.26 0.96 10.44
CA GLY A 153 -18.06 0.23 11.42
C GLY A 153 -17.18 -0.63 12.30
N GLY A 154 -15.93 -0.25 12.42
CA GLY A 154 -15.02 -1.04 13.23
C GLY A 154 -14.78 -2.45 12.67
N SER A 155 -14.86 -2.63 11.35
CA SER A 155 -14.67 -3.95 10.75
C SER A 155 -13.42 -3.93 9.84
N PHE A 156 -13.19 -4.99 9.02
CA PHE A 156 -11.99 -5.14 8.26
C PHE A 156 -12.38 -5.93 7.03
N ILE A 157 -11.58 -5.84 5.98
CA ILE A 157 -11.73 -6.74 4.82
C ILE A 157 -10.39 -7.49 4.66
N LEU A 158 -10.46 -8.83 4.62
CA LEU A 158 -9.33 -9.65 4.36
C LEU A 158 -9.37 -9.97 2.89
N SER A 159 -8.28 -9.74 2.14
CA SER A 159 -8.29 -9.93 0.67
C SER A 159 -7.30 -11.05 0.32
N SER A 160 -7.71 -12.01 -0.52
CA SER A 160 -6.80 -13.04 -0.92
C SER A 160 -6.10 -12.70 -2.20
N SER A 161 -5.04 -13.45 -2.46
CA SER A 161 -4.24 -13.34 -3.65
C SER A 161 -5.05 -13.61 -4.88
N GLY A 162 -6.09 -14.46 -4.76
CA GLY A 162 -7.04 -14.75 -5.86
C GLY A 162 -8.18 -13.76 -5.87
N SER A 163 -8.06 -12.72 -5.04
CA SER A 163 -9.06 -11.65 -4.80
C SER A 163 -10.41 -12.02 -4.24
N GLN A 164 -10.53 -13.13 -3.50
CA GLN A 164 -11.73 -13.31 -2.69
C GLN A 164 -11.63 -12.24 -1.61
N LEU A 165 -12.66 -11.43 -1.49
CA LEU A 165 -12.74 -10.42 -0.44
C LEU A 165 -13.76 -10.87 0.64
N ILE A 166 -13.33 -10.80 1.91
CA ILE A 166 -14.15 -11.17 3.06
C ILE A 166 -14.27 -10.02 4.08
N ARG A 167 -15.51 -9.67 4.43
CA ARG A 167 -15.73 -8.77 5.53
C ARG A 167 -15.70 -9.48 6.89
N LEU A 168 -14.99 -8.90 7.87
CA LEU A 168 -14.84 -9.51 9.19
C LEU A 168 -15.35 -8.54 10.15
N ILE A 169 -16.36 -8.91 10.99
CA ILE A 169 -16.94 -7.88 11.89
C ILE A 169 -16.97 -8.44 13.34
N PRO A 170 -16.15 -7.89 14.22
CA PRO A 170 -16.17 -8.39 15.62
C PRO A 170 -17.51 -8.13 16.27
N GLU A 171 -18.12 -9.12 16.92
CA GLU A 171 -19.37 -8.91 17.66
C GLU A 171 -19.09 -8.80 19.15
N SER A 172 -19.86 -7.98 19.85
CA SER A 172 -19.67 -7.84 21.32
C SER A 172 -19.63 -9.11 22.08
N SER A 173 -20.23 -10.19 21.57
CA SER A 173 -20.08 -11.51 22.22
C SER A 173 -18.67 -11.98 22.31
N GLY A 174 -17.87 -11.56 21.36
CA GLY A 174 -16.57 -12.14 21.16
C GLY A 174 -16.47 -12.86 19.84
N LYS A 175 -17.57 -13.22 19.19
CA LYS A 175 -17.45 -13.82 17.87
C LYS A 175 -17.00 -12.83 16.77
N ILE A 176 -16.60 -13.39 15.64
CA ILE A 176 -16.21 -12.58 14.47
C ILE A 176 -17.05 -13.05 13.32
N HIS A 177 -17.96 -12.19 12.90
CA HIS A 177 -18.85 -12.53 11.83
C HIS A 177 -18.00 -12.38 10.55
N GLN A 178 -18.28 -13.15 9.54
CA GLN A 178 -17.62 -13.02 8.27
C GLN A 178 -18.57 -13.29 7.11
N HIS A 179 -18.41 -12.59 5.99
CA HIS A 179 -19.16 -12.95 4.78
C HIS A 179 -18.29 -12.53 3.60
N ILE A 180 -18.55 -13.12 2.44
CA ILE A 180 -17.85 -12.76 1.25
C ILE A 180 -18.48 -11.50 0.65
N LEU A 181 -17.71 -10.65 0.01
CA LEU A 181 -18.37 -9.50 -0.68
C LEU A 181 -19.10 -9.98 -1.93
N PRO A 182 -20.21 -9.31 -2.28
CA PRO A 182 -21.01 -9.49 -3.47
C PRO A 182 -20.12 -9.51 -4.74
N GLN A 183 -20.22 -10.56 -5.56
CA GLN A 183 -19.33 -10.71 -6.73
C GLN A 183 -17.86 -10.64 -6.34
N GLY A 184 -17.52 -11.07 -5.14
CA GLY A 184 -16.15 -11.02 -4.65
C GLY A 184 -15.72 -12.39 -4.18
N GLN A 185 -16.28 -13.42 -4.79
CA GLN A 185 -15.90 -14.80 -4.49
C GLN A 185 -14.40 -15.09 -4.81
N GLY A 186 -13.84 -14.27 -5.69
CA GLY A 186 -12.44 -14.39 -6.01
C GLY A 186 -12.21 -15.02 -7.37
N MET A 187 -11.72 -16.26 -7.38
CA MET A 187 -11.37 -16.93 -8.62
C MET A 187 -12.00 -18.30 -8.84
N SER A 206 -10.64 -15.44 -17.60
CA SER A 206 -10.20 -14.28 -16.81
C SER A 206 -9.17 -14.61 -15.69
N ASP A 207 -8.14 -13.76 -15.57
CA ASP A 207 -7.22 -13.81 -14.41
C ASP A 207 -7.58 -12.76 -13.34
N LEU A 208 -8.03 -13.24 -12.16
CA LEU A 208 -8.37 -12.30 -11.08
C LEU A 208 -7.31 -12.14 -9.95
N THR A 209 -6.04 -12.44 -10.23
CA THR A 209 -4.92 -12.12 -9.32
C THR A 209 -4.87 -10.67 -8.77
N LEU A 210 -4.90 -10.56 -7.44
CA LEU A 210 -4.94 -9.29 -6.73
C LEU A 210 -3.59 -8.53 -6.62
N SER A 211 -3.58 -7.26 -7.00
CA SER A 211 -2.35 -6.46 -6.84
C SER A 211 -2.41 -5.58 -5.58
N SER A 212 -3.56 -4.92 -5.37
CA SER A 212 -3.78 -4.02 -4.21
C SER A 212 -5.21 -3.68 -3.94
N VAL A 213 -5.49 -3.15 -2.73
CA VAL A 213 -6.88 -2.68 -2.42
C VAL A 213 -6.68 -1.30 -1.89
N LEU A 214 -7.75 -0.54 -1.93
CA LEU A 214 -7.70 0.80 -1.43
C LEU A 214 -9.03 1.05 -0.69
N TRP A 215 -8.93 1.64 0.48
CA TRP A 215 -10.10 1.99 1.22
C TRP A 215 -10.22 3.50 1.26
N ASP A 216 -11.31 4.05 0.73
CA ASP A 216 -11.58 5.44 0.75
C ASP A 216 -12.67 5.74 1.83
N ARG A 217 -12.25 6.25 2.96
CA ARG A 217 -13.13 6.40 4.13
C ARG A 217 -14.25 7.44 3.85
N GLU A 218 -13.88 8.66 3.49
CA GLU A 218 -14.84 9.74 3.16
C GLU A 218 -15.96 9.37 2.21
N ARG A 219 -15.69 8.51 1.26
CA ARG A 219 -16.71 8.11 0.29
C ARG A 219 -17.14 6.70 0.56
N SER A 220 -16.79 6.15 1.72
CA SER A 220 -17.15 4.76 2.03
C SER A 220 -16.98 3.79 0.87
N SER A 221 -15.86 3.88 0.17
CA SER A 221 -15.60 3.04 -0.99
C SER A 221 -14.34 2.16 -0.86
N PHE A 222 -14.46 0.88 -1.24
CA PHE A 222 -13.34 -0.07 -1.16
C PHE A 222 -13.01 -0.51 -2.58
N TYR A 223 -11.78 -0.37 -3.05
CA TYR A 223 -11.48 -0.82 -4.39
C TYR A 223 -10.47 -1.95 -4.37
N SER A 224 -10.56 -2.80 -5.40
CA SER A 224 -9.50 -3.79 -5.59
C SER A 224 -8.98 -3.66 -7.04
N LEU A 225 -7.67 -3.90 -7.19
CA LEU A 225 -6.93 -3.75 -8.45
C LEU A 225 -6.42 -5.12 -8.67
N THR A 226 -6.83 -5.76 -9.74
CA THR A 226 -6.39 -7.12 -10.02
C THR A 226 -5.63 -6.99 -11.30
N SER A 227 -5.26 -8.13 -11.86
CA SER A 227 -4.30 -8.09 -12.96
C SER A 227 -4.95 -7.56 -14.24
N SER A 228 -6.28 -7.65 -14.30
CA SER A 228 -7.08 -7.26 -15.46
C SER A 228 -8.11 -6.13 -15.15
N ASN A 229 -8.62 -6.03 -13.90
CA ASN A 229 -9.50 -4.92 -13.62
C ASN A 229 -9.47 -4.25 -12.30
N ILE A 230 -10.27 -3.18 -12.24
CA ILE A 230 -10.59 -2.50 -11.02
C ILE A 230 -12.06 -2.68 -10.62
N SER A 231 -12.25 -3.07 -9.39
CA SER A 231 -13.59 -3.17 -8.85
C SER A 231 -13.78 -2.27 -7.67
N LYS A 232 -15.00 -1.79 -7.51
CA LYS A 232 -15.36 -0.90 -6.43
C LYS A 232 -16.65 -1.32 -5.70
N TRP A 233 -16.61 -1.29 -4.36
CA TRP A 233 -17.76 -1.48 -3.56
C TRP A 233 -18.10 -0.27 -2.74
N GLU A 234 -19.39 -0.10 -2.46
CA GLU A 234 -19.84 0.94 -1.58
C GLU A 234 -20.27 0.23 -0.34
N LEU A 235 -19.73 0.65 0.81
CA LEU A 235 -20.02 -0.03 2.09
C LEU A 235 -20.88 0.78 3.05
N ASP A 236 -21.47 0.04 4.02
CA ASP A 236 -21.96 0.69 5.15
C ASP A 236 -21.38 -0.08 6.31
N ASP A 237 -21.94 0.05 7.51
CA ASP A 237 -21.34 -0.60 8.66
C ASP A 237 -21.42 -2.09 8.64
N SER A 238 -22.20 -2.68 7.74
CA SER A 238 -22.30 -4.14 7.80
C SER A 238 -22.38 -4.82 6.46
N SER A 239 -22.38 -4.07 5.37
CA SER A 239 -22.53 -4.69 4.10
C SER A 239 -21.85 -3.86 3.01
N GLU A 240 -21.93 -4.35 1.77
CA GLU A 240 -21.24 -3.70 0.66
C GLU A 240 -22.14 -3.93 -0.57
N LYS A 241 -22.15 -2.99 -1.49
CA LYS A 241 -22.82 -3.17 -2.74
C LYS A 241 -21.78 -2.93 -3.82
N HIS A 242 -21.65 -3.91 -4.69
CA HIS A 242 -20.78 -3.88 -5.84
C HIS A 242 -21.16 -2.71 -6.73
N ALA A 243 -20.23 -1.82 -7.00
CA ALA A 243 -20.56 -0.72 -7.79
C ALA A 243 -20.14 -0.98 -9.21
N TYR A 244 -18.89 -1.32 -9.45
CA TYR A 244 -18.54 -1.61 -10.82
C TYR A 244 -17.32 -2.50 -10.88
N SER A 245 -17.07 -3.07 -12.05
CA SER A 245 -15.72 -3.64 -12.41
C SER A 245 -15.29 -3.18 -13.77
N TRP A 246 -14.23 -2.41 -13.83
CA TRP A 246 -13.74 -1.94 -15.10
C TRP A 246 -12.65 -2.79 -15.66
N ASP A 247 -12.78 -3.12 -16.92
CA ASP A 247 -11.69 -3.79 -17.59
C ASP A 247 -10.64 -2.75 -18.01
N ILE A 248 -9.71 -2.45 -17.14
CA ILE A 248 -8.78 -1.34 -17.41
C ILE A 248 -7.68 -1.73 -18.39
N ASN A 249 -7.41 -3.02 -18.48
CA ASN A 249 -6.56 -3.48 -19.48
C ASN A 249 -7.08 -3.08 -20.86
N ARG A 250 -8.34 -3.41 -21.16
CA ARG A 250 -8.96 -2.86 -22.34
C ARG A 250 -8.89 -1.35 -22.37
N ALA A 251 -9.31 -0.64 -21.34
CA ALA A 251 -9.27 0.82 -21.41
C ALA A 251 -7.91 1.49 -21.59
N LEU A 252 -6.90 1.11 -20.80
CA LEU A 252 -5.68 1.96 -20.72
C LEU A 252 -4.52 1.49 -21.58
N LYS A 253 -4.62 0.26 -22.02
CA LYS A 253 -3.57 -0.38 -22.76
C LYS A 253 -2.95 0.54 -23.82
N GLU A 254 -3.73 1.00 -24.78
CA GLU A 254 -3.25 1.88 -25.84
C GLU A 254 -2.67 3.20 -25.31
N ASN A 255 -3.27 3.71 -24.24
CA ASN A 255 -2.77 4.97 -23.69
C ASN A 255 -1.41 4.70 -23.11
N ILE A 256 -1.25 3.54 -22.48
CA ILE A 256 0.05 3.19 -21.91
C ILE A 256 1.11 2.94 -23.01
N THR A 257 0.85 2.03 -23.95
CA THR A 257 1.86 1.77 -24.98
C THR A 257 2.07 2.98 -25.84
N ASP A 258 1.02 3.76 -26.01
CA ASP A 258 1.18 4.93 -26.84
C ASP A 258 2.09 5.97 -26.18
N ALA A 259 2.05 6.07 -24.85
CA ALA A 259 2.87 7.08 -24.15
C ALA A 259 4.31 6.66 -24.09
N ILE A 260 4.60 5.37 -24.24
CA ILE A 260 5.97 4.92 -24.19
C ILE A 260 6.60 4.75 -25.58
N TRP A 261 6.07 3.80 -26.37
CA TRP A 261 6.56 3.52 -27.70
C TRP A 261 5.84 4.25 -28.89
N GLY A 262 4.81 5.05 -28.61
CA GLY A 262 3.97 5.66 -29.62
C GLY A 262 4.64 6.36 -30.80
N SER A 263 5.84 6.90 -30.61
CA SER A 263 6.52 7.68 -31.64
C SER A 263 7.62 6.89 -32.38
N GLU A 264 7.71 5.61 -32.07
CA GLU A 264 8.67 4.75 -32.65
C GLU A 264 8.18 4.41 -34.02
N SER A 265 9.11 4.44 -34.99
CA SER A 265 8.79 4.14 -36.36
C SER A 265 7.91 2.88 -36.42
N ASN A 266 8.35 1.84 -35.70
CA ASN A 266 7.66 0.55 -35.67
C ASN A 266 6.68 0.33 -34.51
N TYR A 267 5.97 1.38 -34.06
CA TYR A 267 4.92 1.30 -33.02
C TYR A 267 3.85 0.22 -33.22
N GLU A 268 3.35 0.09 -34.45
CA GLU A 268 2.31 -0.90 -34.67
C GLU A 268 2.79 -2.32 -34.44
N ALA A 269 4.04 -2.61 -34.85
CA ALA A 269 4.62 -3.95 -34.64
C ALA A 269 4.88 -4.17 -33.15
N ILE A 270 5.65 -3.24 -32.57
CA ILE A 270 5.91 -3.16 -31.12
C ILE A 270 4.67 -3.43 -30.26
N LYS A 271 3.62 -2.64 -30.45
CA LYS A 271 2.54 -2.66 -29.42
C LYS A 271 1.91 -4.03 -29.08
N GLU A 272 1.78 -4.91 -30.06
CA GLU A 272 1.07 -6.13 -29.78
C GLU A 272 1.93 -7.03 -28.90
N GLY A 273 3.20 -6.70 -28.72
CA GLY A 273 4.03 -7.54 -27.85
C GLY A 273 4.26 -6.95 -26.46
N VAL A 274 3.57 -5.85 -26.17
CA VAL A 274 3.84 -5.17 -24.90
C VAL A 274 3.24 -5.90 -23.71
N ASN A 275 4.04 -6.12 -22.66
CA ASN A 275 3.52 -6.60 -21.37
C ASN A 275 3.19 -5.42 -20.41
N ILE A 276 2.00 -5.42 -19.80
CA ILE A 276 1.64 -4.41 -18.83
C ILE A 276 1.19 -5.10 -17.56
N ARG A 277 1.73 -4.66 -16.41
CA ARG A 277 1.30 -5.14 -15.08
C ARG A 277 0.88 -3.95 -14.24
N TYR A 278 -0.29 -4.05 -13.63
CA TYR A 278 -0.87 -3.02 -12.77
C TYR A 278 -0.45 -3.36 -11.32
N LEU A 279 0.17 -2.45 -10.58
CA LEU A 279 0.82 -2.88 -9.35
C LEU A 279 0.23 -2.25 -8.13
N ASP A 280 -0.31 -1.03 -8.22
CA ASP A 280 -0.74 -0.31 -7.06
C ASP A 280 -1.81 0.68 -7.44
N LEU A 281 -2.66 1.05 -6.47
CA LEU A 281 -3.77 1.92 -6.70
C LEU A 281 -3.94 2.88 -5.49
N LYS A 282 -3.92 4.19 -5.72
CA LYS A 282 -4.07 5.19 -4.71
C LYS A 282 -5.06 6.19 -5.32
N GLN A 283 -5.35 7.24 -4.60
CA GLN A 283 -6.18 8.28 -5.15
C GLN A 283 -5.71 9.67 -4.70
N ASN A 284 -6.01 10.65 -5.52
CA ASN A 284 -5.77 12.02 -5.15
C ASN A 284 -6.92 12.83 -5.72
N CYS A 285 -6.83 14.15 -5.64
CA CYS A 285 -8.04 14.95 -5.99
C CYS A 285 -8.34 14.74 -7.50
N ASP A 286 -7.30 14.56 -8.32
CA ASP A 286 -7.51 14.20 -9.73
C ASP A 286 -8.26 12.84 -9.87
N GLY A 287 -8.44 12.09 -8.78
CA GLY A 287 -9.11 10.79 -8.87
C GLY A 287 -8.23 9.59 -8.53
N LEU A 288 -8.37 8.54 -9.33
CA LEU A 288 -7.60 7.30 -9.14
C LEU A 288 -6.24 7.35 -9.81
N VAL A 289 -5.26 6.87 -9.05
CA VAL A 289 -3.87 6.86 -9.56
C VAL A 289 -3.39 5.41 -9.58
N ILE A 290 -3.09 4.92 -10.76
CA ILE A 290 -2.68 3.56 -10.94
C ILE A 290 -1.19 3.55 -11.35
N LEU A 291 -0.44 2.71 -10.63
CA LEU A 291 0.97 2.42 -10.97
C LEU A 291 1.01 1.15 -11.83
N ALA A 292 1.56 1.28 -13.03
CA ALA A 292 1.62 0.17 -13.96
C ALA A 292 3.06 0.01 -14.51
N ALA A 293 3.56 -1.21 -14.65
CA ALA A 293 4.87 -1.43 -15.23
C ALA A 293 4.62 -1.93 -16.65
N ALA A 294 5.38 -1.40 -17.62
CA ALA A 294 5.24 -1.92 -19.01
C ALA A 294 6.61 -2.27 -19.62
N TRP A 295 6.69 -3.35 -20.40
CA TRP A 295 7.89 -3.69 -21.11
C TRP A 295 7.67 -4.48 -22.41
N HIS A 296 8.68 -4.44 -23.27
CA HIS A 296 8.64 -5.18 -24.55
C HIS A 296 9.88 -6.03 -24.65
N SER A 297 9.78 -7.32 -24.34
CA SER A 297 10.90 -8.27 -24.43
C SER A 297 11.98 -8.01 -25.53
N ALA A 298 11.49 -7.68 -26.70
CA ALA A 298 12.29 -7.60 -27.87
C ALA A 298 12.97 -6.26 -28.05
N ASP A 299 12.64 -5.29 -27.20
CA ASP A 299 13.40 -4.05 -27.13
C ASP A 299 14.87 -4.40 -26.83
N ASN A 300 15.80 -3.60 -27.34
CA ASN A 300 17.23 -3.83 -27.04
C ASN A 300 17.92 -2.52 -26.79
N PRO A 301 18.25 -2.23 -25.53
CA PRO A 301 18.10 -2.88 -24.19
C PRO A 301 16.65 -2.89 -23.77
N CYS A 302 16.21 -3.93 -23.08
CA CYS A 302 14.81 -4.03 -22.65
C CYS A 302 14.72 -3.39 -21.24
N LEU A 303 14.07 -2.25 -21.15
CA LEU A 303 13.87 -1.60 -19.85
C LEU A 303 12.43 -1.74 -19.46
N ILE A 304 12.16 -1.51 -18.17
CA ILE A 304 10.81 -1.52 -17.63
C ILE A 304 10.43 -0.08 -17.48
N TYR A 305 9.25 0.28 -18.03
CA TYR A 305 8.71 1.62 -17.82
C TYR A 305 7.63 1.58 -16.78
N TYR A 306 7.78 2.42 -15.77
CA TYR A 306 6.79 2.61 -14.73
C TYR A 306 6.02 3.89 -14.91
N SER A 307 4.71 3.77 -14.99
CA SER A 307 3.88 4.94 -15.28
C SER A 307 2.82 5.10 -14.22
N LEU A 308 2.39 6.34 -14.03
CA LEU A 308 1.30 6.69 -13.18
C LEU A 308 0.15 7.06 -14.08
N ILE A 309 -0.97 6.34 -13.96
CA ILE A 309 -2.11 6.61 -14.73
C ILE A 309 -3.21 7.18 -13.88
N THR A 310 -3.73 8.34 -14.27
CA THR A 310 -4.81 8.95 -13.51
C THR A 310 -6.05 8.96 -14.36
N ILE A 311 -7.11 8.45 -13.71
CA ILE A 311 -8.45 8.52 -14.25
C ILE A 311 -9.49 8.97 -13.22
N GLU A 312 -10.61 9.45 -13.73
CA GLU A 312 -11.69 9.94 -12.84
C GLU A 312 -12.53 8.73 -12.46
N ASP A 313 -13.00 8.70 -11.20
CA ASP A 313 -13.96 7.72 -10.80
C ASP A 313 -15.28 8.50 -10.65
N ASN A 314 -16.06 8.54 -11.71
CA ASN A 314 -17.30 9.30 -11.64
C ASN A 314 -18.44 8.42 -12.13
N GLY A 315 -19.16 7.89 -11.15
CA GLY A 315 -20.29 7.06 -11.49
C GLY A 315 -19.62 5.73 -11.58
N CYS A 316 -20.14 4.93 -12.48
CA CYS A 316 -19.76 3.57 -12.66
C CYS A 316 -19.09 3.28 -13.94
N GLN A 317 -18.77 4.34 -14.70
CA GLN A 317 -18.06 4.23 -15.97
C GLN A 317 -16.87 5.10 -16.08
N MET A 318 -15.94 4.67 -16.92
CA MET A 318 -14.77 5.43 -17.20
C MET A 318 -14.98 6.59 -18.13
N SER A 319 -14.24 7.66 -17.87
CA SER A 319 -14.20 8.81 -18.79
C SER A 319 -13.23 8.60 -19.94
N ASP A 320 -13.18 9.54 -20.87
CA ASP A 320 -12.37 9.40 -22.10
C ASP A 320 -10.99 9.90 -21.78
N ALA A 321 -10.97 10.71 -20.73
CA ALA A 321 -9.78 11.39 -20.29
C ALA A 321 -8.96 10.52 -19.30
N VAL A 322 -7.84 10.01 -19.84
CA VAL A 322 -6.80 9.20 -19.13
C VAL A 322 -5.48 9.93 -19.33
N THR A 323 -4.77 10.29 -18.26
CA THR A 323 -3.40 10.84 -18.41
C THR A 323 -2.39 9.74 -18.00
N VAL A 324 -1.40 9.51 -18.87
CA VAL A 324 -0.27 8.65 -18.58
C VAL A 324 1.01 9.48 -18.41
N GLU A 325 1.68 9.31 -17.30
CA GLU A 325 2.87 10.05 -16.99
C GLU A 325 4.01 8.98 -16.72
N VAL A 326 4.98 8.88 -17.62
CA VAL A 326 6.04 7.94 -17.51
C VAL A 326 7.07 8.44 -16.50
N THR A 327 7.42 7.67 -15.45
CA THR A 327 8.31 8.19 -14.43
C THR A 327 9.80 8.01 -14.81
N GLN A 328 10.70 8.55 -14.02
CA GLN A 328 12.14 8.34 -14.21
C GLN A 328 12.62 6.97 -13.82
N TYR A 329 11.80 6.22 -13.17
CA TYR A 329 12.23 4.95 -12.69
C TYR A 329 12.08 3.95 -13.82
N ASN A 330 13.24 3.55 -14.32
CA ASN A 330 13.29 2.91 -15.60
C ASN A 330 14.37 1.84 -15.62
N PRO A 331 14.29 0.83 -14.71
CA PRO A 331 15.40 -0.12 -14.59
C PRO A 331 15.44 -1.17 -15.74
N PRO A 332 16.58 -1.85 -15.92
CA PRO A 332 16.55 -2.90 -16.97
C PRO A 332 15.60 -4.05 -16.57
N PHE A 333 14.99 -4.71 -17.55
CA PHE A 333 14.15 -5.86 -17.23
C PHE A 333 15.06 -7.01 -16.84
N GLN A 334 14.73 -7.66 -15.74
CA GLN A 334 15.51 -8.78 -15.26
C GLN A 334 14.59 -9.96 -15.26
N SER A 335 13.61 -9.90 -14.37
CA SER A 335 12.60 -10.93 -14.33
C SER A 335 11.25 -10.35 -13.90
N GLU A 336 10.17 -10.96 -14.34
CA GLU A 336 8.86 -10.50 -13.90
C GLU A 336 8.54 -10.57 -12.38
N ASP A 337 9.06 -11.59 -11.72
CA ASP A 337 9.04 -11.68 -10.23
C ASP A 337 9.77 -10.53 -9.56
N LEU A 338 10.71 -9.93 -10.28
CA LEU A 338 11.51 -8.89 -9.70
C LEU A 338 10.88 -7.49 -9.89
N ILE A 339 9.78 -7.40 -10.63
CA ILE A 339 9.14 -6.13 -10.82
C ILE A 339 8.46 -5.75 -9.54
N LEU A 340 9.14 -5.11 -8.60
CA LEU A 340 8.53 -4.71 -7.36
C LEU A 340 8.58 -3.16 -7.30
N CYS A 341 7.52 -2.54 -6.85
CA CYS A 341 7.48 -1.11 -6.74
C CYS A 341 6.09 -0.77 -6.19
N GLN A 342 6.05 0.14 -5.19
CA GLN A 342 4.81 0.55 -4.53
C GLN A 342 4.64 2.02 -4.65
N LEU A 343 3.40 2.46 -4.42
CA LEU A 343 3.01 3.84 -4.59
C LEU A 343 2.54 4.43 -3.27
N THR A 344 2.97 5.63 -2.96
CA THR A 344 2.40 6.37 -1.85
C THR A 344 1.94 7.72 -2.35
N VAL A 345 0.77 8.19 -1.91
CA VAL A 345 0.34 9.56 -2.23
C VAL A 345 -0.05 10.36 -0.99
N PRO A 346 0.90 11.01 -0.33
CA PRO A 346 0.56 11.72 0.92
C PRO A 346 -0.35 12.93 0.82
N ASN A 347 -0.21 13.75 -0.21
CA ASN A 347 -0.97 15.00 -0.31
C ASN A 347 -1.92 14.84 -1.47
N PHE A 348 -3.18 14.65 -1.12
CA PHE A 348 -4.28 14.51 -2.02
C PHE A 348 -4.26 15.59 -3.10
N SER A 349 -3.69 16.75 -2.80
CA SER A 349 -3.90 17.84 -3.76
C SER A 349 -2.71 18.44 -4.53
N ASN A 350 -1.46 18.19 -4.14
CA ASN A 350 -0.37 18.62 -5.02
C ASN A 350 -0.25 17.41 -5.92
N GLN A 351 0.27 17.50 -7.12
CA GLN A 351 0.05 16.26 -7.92
C GLN A 351 1.32 15.39 -7.82
N THR A 352 1.58 14.91 -6.62
CA THR A 352 2.84 14.28 -6.32
C THR A 352 2.67 12.85 -5.72
N ALA A 353 3.42 11.91 -6.29
CA ALA A 353 3.42 10.53 -5.89
C ALA A 353 4.87 10.13 -5.60
N TYR A 354 5.06 9.15 -4.69
CA TYR A 354 6.37 8.57 -4.32
C TYR A 354 6.31 7.14 -4.71
N LEU A 355 7.15 6.69 -5.65
CA LEU A 355 7.27 5.29 -5.92
C LEU A 355 8.45 4.86 -5.07
N TYR A 356 8.34 3.70 -4.46
CA TYR A 356 9.43 3.23 -3.65
C TYR A 356 9.62 1.74 -3.79
N ASN A 357 10.86 1.29 -3.71
CA ASN A 357 11.11 -0.16 -3.65
C ASN A 357 11.96 -0.27 -2.39
N GLU A 358 12.75 -1.32 -2.23
CA GLU A 358 13.46 -1.50 -0.97
C GLU A 358 14.72 -0.71 -0.93
N SER A 359 15.09 -0.03 -2.00
CA SER A 359 16.35 0.65 -2.00
C SER A 359 16.31 2.13 -2.30
N ALA A 360 15.15 2.61 -2.80
CA ALA A 360 15.05 4.00 -3.17
C ALA A 360 13.61 4.47 -3.22
N VAL A 361 13.44 5.76 -3.29
CA VAL A 361 12.13 6.38 -3.36
C VAL A 361 12.24 7.37 -4.48
N TYR A 362 11.27 7.34 -5.39
CA TYR A 362 11.31 8.26 -6.53
C TYR A 362 10.16 9.29 -6.35
N VAL A 363 10.49 10.56 -6.19
CA VAL A 363 9.46 11.61 -6.19
C VAL A 363 8.99 11.89 -7.59
N CYS A 364 7.73 11.66 -7.87
CA CYS A 364 7.20 11.67 -9.26
C CYS A 364 6.03 12.64 -9.24
N SER A 365 5.47 12.94 -10.40
CA SER A 365 4.37 13.84 -10.47
C SER A 365 3.33 13.10 -11.25
N THR A 366 2.08 13.41 -11.06
CA THR A 366 1.01 12.82 -11.82
C THR A 366 0.40 13.94 -12.62
N GLY A 367 -0.70 13.60 -13.31
CA GLY A 367 -1.66 14.67 -13.80
C GLY A 367 -0.94 15.58 -14.75
N THR A 368 -1.34 16.85 -14.76
CA THR A 368 -0.68 17.84 -15.63
C THR A 368 0.72 18.09 -15.15
N GLY A 369 0.93 17.90 -13.85
CA GLY A 369 2.22 18.21 -13.23
C GLY A 369 2.36 19.68 -12.81
N LYS A 370 1.33 20.49 -13.09
CA LYS A 370 1.33 21.94 -12.76
C LYS A 370 1.84 22.20 -11.35
N PHE A 371 1.22 21.57 -10.35
CA PHE A 371 1.58 21.75 -8.93
C PHE A 371 2.61 20.76 -8.39
N SER A 372 3.18 19.93 -9.27
CA SER A 372 4.07 18.81 -8.85
C SER A 372 5.47 19.24 -8.39
N LEU A 373 5.94 18.56 -7.38
CA LEU A 373 7.27 18.83 -6.82
C LEU A 373 8.40 18.39 -7.81
N PRO A 374 9.66 18.84 -7.59
CA PRO A 374 10.70 18.37 -8.53
C PRO A 374 10.88 16.85 -8.52
N GLN A 375 11.09 16.28 -9.70
CA GLN A 375 11.27 14.83 -9.83
C GLN A 375 12.65 14.43 -9.39
N GLU A 376 12.71 13.55 -8.40
CA GLU A 376 14.02 13.12 -7.90
C GLU A 376 14.04 11.66 -7.43
N LYS A 377 15.22 11.05 -7.52
CA LYS A 377 15.44 9.77 -6.93
C LYS A 377 16.19 9.93 -5.60
N ILE A 378 15.66 9.40 -4.49
CA ILE A 378 16.28 9.45 -3.14
C ILE A 378 16.72 8.05 -2.72
N VAL A 379 18.01 7.88 -2.48
CA VAL A 379 18.65 6.58 -2.26
C VAL A 379 18.69 6.22 -0.79
N PHE A 380 18.22 5.03 -0.47
CA PHE A 380 18.19 4.50 0.90
C PHE A 380 18.80 3.11 0.79
N ASN A 381 19.77 3.00 -0.12
CA ASN A 381 20.44 1.74 -0.41
C ASN A 381 21.78 1.54 0.28
N ALA A 382 22.34 2.62 0.82
CA ALA A 382 23.67 2.58 1.41
C ALA A 382 23.98 2.06 2.82
N GLN A 383 24.96 1.16 2.86
CA GLN A 383 25.48 0.57 4.08
C GLN A 383 24.49 -0.26 4.87
N GLY A 384 23.86 -1.19 4.18
CA GLY A 384 22.88 -2.06 4.81
C GLY A 384 21.52 -1.40 4.94
N ASP A 385 21.47 -0.09 4.67
CA ASP A 385 20.22 0.65 4.77
C ASP A 385 19.17 0.11 3.80
N SER A 386 17.91 0.37 4.10
CA SER A 386 16.82 -0.13 3.29
C SER A 386 15.48 0.52 3.63
N VAL A 387 14.59 0.58 2.65
CA VAL A 387 13.26 1.15 2.86
C VAL A 387 12.38 -0.01 3.33
N LEU A 388 12.00 -0.01 4.60
CA LEU A 388 11.17 -1.10 5.12
C LEU A 388 9.69 -0.82 4.97
N GLY A 389 9.33 0.43 4.72
CA GLY A 389 7.93 0.78 4.57
C GLY A 389 7.78 2.26 4.32
N ALA A 390 6.55 2.69 4.04
CA ALA A 390 6.32 4.09 3.78
C ALA A 390 4.86 4.41 4.01
N GLY A 391 4.57 5.68 4.24
CA GLY A 391 3.23 6.11 4.44
C GLY A 391 3.24 7.62 4.53
N ALA A 392 2.32 8.14 5.33
CA ALA A 392 2.12 9.57 5.40
C ALA A 392 1.71 9.87 6.78
N CYS A 393 2.18 10.97 7.30
CA CYS A 393 1.66 11.45 8.58
C CYS A 393 1.35 12.93 8.41
N GLY A 394 0.08 13.28 8.54
CA GLY A 394 -0.38 14.66 8.33
C GLY A 394 -0.03 15.21 6.96
N GLY A 395 -0.14 14.36 5.94
CA GLY A 395 0.14 14.73 4.57
C GLY A 395 1.62 14.85 4.28
N VAL A 396 2.44 14.26 5.17
CA VAL A 396 3.91 14.32 4.99
C VAL A 396 4.40 12.97 4.50
N PRO A 397 5.21 12.92 3.42
CA PRO A 397 5.70 11.58 3.02
C PRO A 397 6.60 11.02 4.09
N ILE A 398 6.28 9.84 4.61
CA ILE A 398 7.10 9.24 5.67
C ILE A 398 7.73 7.95 5.14
N ILE A 399 9.04 7.74 5.37
CA ILE A 399 9.70 6.49 5.01
C ILE A 399 10.27 5.86 6.29
N PHE A 400 10.16 4.54 6.41
CA PHE A 400 10.78 3.91 7.54
C PHE A 400 12.02 3.17 7.03
N SER A 401 13.19 3.68 7.38
CA SER A 401 14.43 3.19 6.86
C SER A 401 15.16 2.33 7.89
N ARG A 402 15.82 1.27 7.43
CA ARG A 402 16.52 0.33 8.29
C ARG A 402 17.54 1.08 9.17
N ASN A 403 18.20 2.07 8.59
CA ASN A 403 19.27 2.72 9.35
C ASN A 403 18.78 3.94 10.09
N SER A 404 17.68 4.58 9.67
CA SER A 404 17.33 5.88 10.26
C SER A 404 15.93 6.01 10.86
N GLY A 405 15.17 4.91 10.89
CA GLY A 405 13.88 4.92 11.50
C GLY A 405 12.90 5.60 10.58
N LEU A 406 11.96 6.35 11.18
CA LEU A 406 11.03 7.20 10.45
C LEU A 406 11.72 8.48 10.00
N VAL A 407 11.46 8.82 8.76
CA VAL A 407 12.10 9.92 8.09
C VAL A 407 11.02 10.55 7.21
N SER A 408 11.00 11.90 7.09
CA SER A 408 10.14 12.55 6.10
C SER A 408 10.99 13.08 4.96
N ILE A 409 10.30 13.29 3.86
CA ILE A 409 10.89 13.83 2.70
C ILE A 409 10.10 15.07 2.46
N THR A 410 10.76 16.18 2.67
CA THR A 410 10.13 17.44 2.52
C THR A 410 10.97 18.25 1.56
N SER A 411 10.27 18.97 0.68
CA SER A 411 10.89 19.95 -0.23
C SER A 411 11.66 21.00 0.54
N ARG A 412 12.80 21.41 -0.03
CA ARG A 412 13.57 22.57 0.47
C ARG A 412 12.96 23.98 0.20
N GLU A 413 12.09 24.11 -0.83
CA GLU A 413 11.36 25.39 -1.10
C GLU A 413 9.94 25.42 -0.48
#